data_1Y39
#
_entry.id   1Y39
#
_cell.length_a   150.240
_cell.length_b   150.240
_cell.length_c   62.984
_cell.angle_alpha   90.00
_cell.angle_beta   90.00
_cell.angle_gamma   90.00
#
_symmetry.space_group_name_H-M   'P 43 21 2'
#
loop_
_entity.id
_entity.type
_entity.pdbx_description
1 polymer '58 Nucleotide Ribosomal 23S RNA Domain'
2 polymer '50S ribosomal protein L11'
3 non-polymer 'COBALT (III) ION'
4 non-polymer 'POTASSIUM ION'
5 non-polymer 'MAGNESIUM ION'
6 non-polymer GLYCEROL
7 water water
#
loop_
_entity_poly.entity_id
_entity_poly.type
_entity_poly.pdbx_seq_one_letter_code
_entity_poly.pdbx_strand_id
1 'polyribonucleotide' (GTP)CCAGGAUGUAUGCUUAGAAGCAGCAAUCAUUUAAAGAGUGCGUAAUAGCUCACUGGU C,D
2 'polypeptide(L)' FTFITKTPPAAVLLKKAAGIESGSGEPNRNKVATIKRDKVREIAELKMPDLNAASIEAAMRMIEGTARNMGIVVED A,B
#
# COMPACT_ATOMS: atom_id res chain seq x y z
N THR C 2 -27.96 0.57 6.23
CA THR C 2 -28.04 0.21 4.80
C THR C 2 -26.74 0.44 4.04
N PHE C 3 -25.77 1.11 4.67
CA PHE C 3 -24.48 1.35 4.04
C PHE C 3 -23.54 0.15 4.27
N ILE C 4 -23.22 -0.57 3.21
CA ILE C 4 -22.35 -1.74 3.34
C ILE C 4 -20.87 -1.39 3.47
N THR C 5 -20.34 -1.71 4.65
CA THR C 5 -18.94 -1.48 4.95
C THR C 5 -18.21 -2.78 4.63
N LYS C 6 -17.41 -2.77 3.58
CA LYS C 6 -16.69 -4.00 3.24
C LYS C 6 -15.34 -4.07 3.92
N THR C 7 -15.08 -5.24 4.50
CA THR C 7 -13.84 -5.50 5.20
C THR C 7 -12.72 -5.87 4.22
N PRO C 8 -11.45 -5.67 4.60
CA PRO C 8 -10.28 -5.96 3.76
C PRO C 8 -10.19 -7.45 3.43
N PRO C 9 -9.60 -7.78 2.27
CA PRO C 9 -9.45 -9.17 1.86
C PRO C 9 -8.73 -10.01 2.92
N ALA C 10 -9.08 -11.29 3.01
CA ALA C 10 -8.46 -12.18 3.98
C ALA C 10 -6.94 -12.15 3.82
N ALA C 11 -6.50 -12.13 2.55
CA ALA C 11 -5.07 -12.09 2.23
C ALA C 11 -4.33 -10.93 2.90
N VAL C 12 -4.75 -9.69 2.62
CA VAL C 12 -4.09 -8.54 3.22
C VAL C 12 -4.16 -8.58 4.74
N LEU C 13 -5.33 -8.93 5.27
CA LEU C 13 -5.52 -9.04 6.71
C LEU C 13 -4.45 -9.95 7.29
N LEU C 14 -4.12 -11.00 6.53
CA LEU C 14 -3.10 -11.96 6.94
C LEU C 14 -1.72 -11.33 6.95
N LYS C 15 -1.34 -10.72 5.83
CA LYS C 15 -0.03 -10.06 5.71
C LYS C 15 0.17 -9.09 6.87
N LYS C 16 -0.88 -8.34 7.17
CA LYS C 16 -0.89 -7.36 8.25
C LYS C 16 -0.49 -8.03 9.56
N ALA C 17 -1.26 -9.05 9.93
CA ALA C 17 -1.05 -9.80 11.15
C ALA C 17 0.30 -10.53 11.14
N ALA C 18 0.78 -10.87 9.94
CA ALA C 18 2.06 -11.57 9.80
C ALA C 18 3.25 -10.63 9.76
N GLY C 19 2.99 -9.36 9.50
CA GLY C 19 4.06 -8.37 9.40
C GLY C 19 4.89 -8.60 8.16
N ILE C 20 4.23 -8.70 7.00
CA ILE C 20 4.93 -8.94 5.72
C ILE C 20 4.37 -8.09 4.57
N GLU C 21 5.26 -7.62 3.70
CA GLU C 21 4.88 -6.81 2.55
C GLU C 21 4.17 -7.65 1.49
N SER C 22 4.69 -8.84 1.20
CA SER C 22 4.12 -9.73 0.19
C SER C 22 4.09 -11.21 0.55
N GLY C 23 3.18 -11.94 -0.09
CA GLY C 23 3.05 -13.38 0.13
C GLY C 23 4.04 -14.16 -0.71
N SER C 24 4.25 -15.44 -0.37
CA SER C 24 5.20 -16.28 -1.09
C SER C 24 4.79 -16.62 -2.52
N GLY C 25 5.79 -16.72 -3.39
CA GLY C 25 5.54 -17.05 -4.79
C GLY C 25 5.47 -18.55 -4.99
N GLU C 26 5.93 -19.29 -3.97
CA GLU C 26 5.93 -20.76 -3.92
C GLU C 26 5.46 -21.05 -2.50
N PRO C 27 4.14 -21.07 -2.27
CA PRO C 27 3.50 -21.33 -0.98
C PRO C 27 3.92 -22.60 -0.28
N ASN C 28 4.25 -23.63 -1.04
CA ASN C 28 4.65 -24.91 -0.48
C ASN C 28 6.12 -24.98 -0.07
N ARG C 29 6.99 -24.43 -0.90
CA ARG C 29 8.43 -24.45 -0.65
C ARG C 29 8.96 -23.34 0.26
N ASN C 30 8.53 -22.10 0.01
CA ASN C 30 9.00 -20.97 0.80
C ASN C 30 7.98 -20.34 1.70
N LYS C 31 8.15 -20.57 3.00
CA LYS C 31 7.26 -20.01 3.99
C LYS C 31 7.80 -18.65 4.41
N VAL C 32 7.03 -17.61 4.11
CA VAL C 32 7.40 -16.24 4.41
C VAL C 32 7.30 -15.84 5.89
N ALA C 33 6.35 -16.43 6.60
CA ALA C 33 6.15 -16.12 8.02
C ALA C 33 5.28 -17.16 8.71
N THR C 34 5.08 -16.99 10.00
CA THR C 34 4.23 -17.89 10.79
C THR C 34 3.49 -17.07 11.87
N ILE C 35 2.20 -17.33 12.02
CA ILE C 35 1.40 -16.64 13.02
C ILE C 35 0.75 -17.66 13.96
N LYS C 36 -0.22 -17.21 14.76
CA LYS C 36 -0.88 -18.11 15.70
C LYS C 36 -2.36 -18.33 15.42
N ARG C 37 -2.95 -19.32 16.08
CA ARG C 37 -4.37 -19.64 15.93
C ARG C 37 -5.22 -18.48 16.49
N ASP C 38 -4.78 -17.94 17.64
CA ASP C 38 -5.47 -16.83 18.29
C ASP C 38 -5.51 -15.59 17.38
N LYS C 39 -4.69 -15.62 16.32
CA LYS C 39 -4.63 -14.52 15.35
C LYS C 39 -5.58 -14.83 14.20
N VAL C 40 -5.63 -16.10 13.80
CA VAL C 40 -6.53 -16.55 12.74
C VAL C 40 -7.93 -16.34 13.31
N ARG C 41 -8.01 -16.48 14.63
CA ARG C 41 -9.23 -16.31 15.40
C ARG C 41 -9.81 -14.94 15.11
N GLU C 42 -9.02 -13.91 15.39
CA GLU C 42 -9.42 -12.51 15.19
C GLU C 42 -9.74 -12.16 13.75
N ILE C 43 -8.93 -12.66 12.83
CA ILE C 43 -9.16 -12.38 11.42
C ILE C 43 -10.52 -12.94 11.02
N ALA C 44 -10.79 -14.18 11.42
CA ALA C 44 -12.06 -14.84 11.12
C ALA C 44 -13.22 -14.11 11.78
N GLU C 45 -12.99 -13.63 12.99
CA GLU C 45 -14.03 -12.91 13.75
C GLU C 45 -14.35 -11.57 13.07
N LEU C 46 -13.32 -10.81 12.73
CA LEU C 46 -13.49 -9.52 12.08
C LEU C 46 -14.17 -9.64 10.72
N LYS C 47 -13.62 -10.52 9.88
CA LYS C 47 -14.07 -10.77 8.52
C LYS C 47 -15.40 -11.53 8.44
N MET C 48 -15.89 -12.02 9.58
CA MET C 48 -17.14 -12.80 9.65
C MET C 48 -18.34 -12.32 8.83
N PRO C 49 -18.64 -11.02 8.86
CA PRO C 49 -19.79 -10.51 8.09
C PRO C 49 -19.73 -10.83 6.59
N ASP C 50 -18.51 -10.78 6.02
CA ASP C 50 -18.32 -11.07 4.61
C ASP C 50 -18.37 -12.56 4.29
N LEU C 51 -18.00 -13.39 5.25
CA LEU C 51 -18.00 -14.83 5.07
C LEU C 51 -19.40 -15.41 4.98
N ASN C 52 -19.48 -16.72 4.70
CA ASN C 52 -20.73 -17.44 4.59
C ASN C 52 -20.64 -18.70 5.44
N ALA C 53 -19.77 -18.67 6.45
CA ALA C 53 -19.58 -19.80 7.32
C ALA C 53 -20.62 -19.90 8.43
N ALA C 54 -20.84 -21.12 8.90
CA ALA C 54 -21.79 -21.40 9.98
C ALA C 54 -21.16 -20.98 11.32
N SER C 55 -20.07 -21.65 11.68
CA SER C 55 -19.36 -21.35 12.92
C SER C 55 -18.05 -20.61 12.64
N ILE C 56 -17.29 -20.32 13.70
CA ILE C 56 -16.02 -19.64 13.56
C ILE C 56 -14.95 -20.66 13.17
N GLU C 57 -15.17 -21.93 13.54
CA GLU C 57 -14.21 -22.98 13.20
C GLU C 57 -14.08 -23.04 11.69
N ALA C 58 -15.22 -22.99 11.00
CA ALA C 58 -15.29 -23.03 9.54
C ALA C 58 -14.76 -21.73 8.94
N ALA C 59 -14.99 -20.62 9.64
CA ALA C 59 -14.52 -19.32 9.20
C ALA C 59 -13.00 -19.37 9.19
N MET C 60 -12.43 -19.88 10.29
CA MET C 60 -10.98 -20.00 10.41
C MET C 60 -10.45 -21.00 9.40
N ARG C 61 -11.27 -21.99 9.06
CA ARG C 61 -10.88 -23.00 8.09
C ARG C 61 -10.62 -22.32 6.75
N MET C 62 -11.42 -21.29 6.45
CA MET C 62 -11.28 -20.54 5.20
C MET C 62 -10.03 -19.67 5.27
N ILE C 63 -9.88 -18.95 6.37
CA ILE C 63 -8.75 -18.06 6.58
C ILE C 63 -7.42 -18.81 6.51
N GLU C 64 -7.39 -19.99 7.12
CA GLU C 64 -6.20 -20.82 7.12
C GLU C 64 -5.88 -21.24 5.70
N GLY C 65 -6.92 -21.54 4.93
CA GLY C 65 -6.76 -21.95 3.55
C GLY C 65 -6.13 -20.85 2.72
N THR C 66 -6.48 -19.60 3.01
CA THR C 66 -5.92 -18.46 2.31
C THR C 66 -4.46 -18.30 2.72
N ALA C 67 -4.19 -18.46 4.03
CA ALA C 67 -2.84 -18.37 4.57
C ALA C 67 -1.94 -19.51 4.12
N ARG C 68 -2.50 -20.71 4.07
CA ARG C 68 -1.74 -21.88 3.66
C ARG C 68 -1.20 -21.68 2.25
N ASN C 69 -2.05 -21.13 1.39
CA ASN C 69 -1.72 -20.90 -0.01
C ASN C 69 -0.88 -19.65 -0.30
N MET C 70 -0.30 -19.07 0.73
CA MET C 70 0.54 -17.90 0.53
C MET C 70 1.78 -17.97 1.42
N GLY C 71 2.22 -19.20 1.69
CA GLY C 71 3.41 -19.40 2.51
C GLY C 71 3.32 -19.05 3.98
N ILE C 72 2.16 -18.65 4.48
CA ILE C 72 2.03 -18.34 5.90
C ILE C 72 1.70 -19.64 6.63
N VAL C 73 2.19 -19.76 7.86
CA VAL C 73 1.97 -20.95 8.67
C VAL C 73 1.36 -20.60 10.03
N VAL C 74 0.46 -21.44 10.52
CA VAL C 74 -0.20 -21.21 11.81
C VAL C 74 0.29 -22.21 12.88
N GLU C 75 0.39 -21.72 14.12
CA GLU C 75 0.84 -22.55 15.24
C GLU C 75 0.00 -22.31 16.51
N THR D 5 24.75 20.59 -13.62
CA THR D 5 23.69 20.37 -14.66
C THR D 5 22.53 19.53 -14.12
N LYS D 6 22.81 18.67 -13.14
CA LYS D 6 21.76 17.81 -12.56
C LYS D 6 20.65 18.61 -11.88
N THR D 7 19.39 18.31 -12.24
CA THR D 7 18.24 19.00 -11.66
C THR D 7 17.98 18.58 -10.22
N PRO D 8 17.40 19.47 -9.42
CA PRO D 8 17.09 19.23 -8.00
C PRO D 8 16.24 17.97 -7.81
N PRO D 9 16.33 17.34 -6.61
CA PRO D 9 15.57 16.14 -6.28
C PRO D 9 14.06 16.30 -6.37
N ALA D 10 13.41 15.25 -6.86
CA ALA D 10 11.97 15.21 -7.01
C ALA D 10 11.29 15.69 -5.73
N ALA D 11 11.62 15.06 -4.61
CA ALA D 11 11.04 15.41 -3.34
C ALA D 11 11.25 16.88 -2.98
N VAL D 12 12.43 17.43 -3.29
CA VAL D 12 12.71 18.83 -2.96
C VAL D 12 11.84 19.78 -3.79
N LEU D 13 11.62 19.44 -5.07
CA LEU D 13 10.78 20.27 -5.93
C LEU D 13 9.34 20.22 -5.43
N LEU D 14 8.87 19.02 -5.08
CA LEU D 14 7.52 18.83 -4.57
C LEU D 14 7.25 19.64 -3.30
N LYS D 15 8.22 19.64 -2.39
CA LYS D 15 8.11 20.39 -1.13
C LYS D 15 7.94 21.87 -1.41
N LYS D 16 8.65 22.36 -2.43
CA LYS D 16 8.57 23.76 -2.82
C LYS D 16 7.19 24.06 -3.39
N ALA D 17 6.77 23.25 -4.35
CA ALA D 17 5.47 23.42 -4.97
C ALA D 17 4.35 23.43 -3.92
N ALA D 18 4.53 22.64 -2.86
CA ALA D 18 3.54 22.55 -1.79
C ALA D 18 3.72 23.62 -0.70
N GLY D 19 4.77 24.42 -0.83
CA GLY D 19 5.04 25.47 0.15
C GLY D 19 5.45 24.94 1.52
N ILE D 20 5.54 23.62 1.67
CA ILE D 20 5.90 22.98 2.93
C ILE D 20 7.39 22.75 3.13
N GLU D 21 7.78 22.63 4.40
CA GLU D 21 9.17 22.40 4.80
C GLU D 21 9.56 20.92 4.86
N SER D 22 8.60 20.04 5.20
CA SER D 22 8.89 18.61 5.30
C SER D 22 7.77 17.67 4.90
N GLY D 23 8.15 16.57 4.25
CA GLY D 23 7.19 15.57 3.85
C GLY D 23 6.65 14.95 5.12
N SER D 24 5.61 14.13 5.04
CA SER D 24 5.07 13.54 6.26
C SER D 24 5.82 12.28 6.68
N GLY D 25 5.72 11.96 7.97
CA GLY D 25 6.37 10.77 8.50
C GLY D 25 5.50 9.56 8.32
N GLU D 26 4.22 9.78 8.04
CA GLU D 26 3.27 8.70 7.82
C GLU D 26 2.45 9.03 6.58
N PRO D 27 3.11 8.99 5.39
CA PRO D 27 2.61 9.27 4.05
C PRO D 27 1.18 8.82 3.76
N ASN D 28 0.87 7.58 4.11
CA ASN D 28 -0.44 7.01 3.87
C ASN D 28 -1.56 7.62 4.72
N ARG D 29 -1.28 7.84 6.01
CA ARG D 29 -2.28 8.41 6.90
C ARG D 29 -2.29 9.94 6.91
N ASN D 30 -1.22 10.53 7.40
CA ASN D 30 -1.13 11.99 7.51
C ASN D 30 -0.55 12.74 6.32
N LYS D 31 -1.43 13.39 5.57
CA LYS D 31 -1.03 14.17 4.41
C LYS D 31 -0.59 15.57 4.87
N VAL D 32 0.58 16.00 4.40
CA VAL D 32 1.12 17.28 4.81
C VAL D 32 0.77 18.44 3.87
N ALA D 33 0.15 18.13 2.74
CA ALA D 33 -0.26 19.15 1.78
C ALA D 33 -0.80 18.53 0.50
N THR D 34 -1.39 19.36 -0.35
CA THR D 34 -1.92 18.90 -1.63
C THR D 34 -1.56 19.94 -2.69
N ILE D 35 -1.21 19.46 -3.88
CA ILE D 35 -0.88 20.33 -5.01
C ILE D 35 -1.63 19.87 -6.23
N LYS D 36 -1.61 20.71 -7.27
CA LYS D 36 -2.31 20.40 -8.51
C LYS D 36 -1.51 19.67 -9.58
N ARG D 37 -2.14 18.65 -10.16
CA ARG D 37 -1.58 17.78 -11.18
C ARG D 37 -0.92 18.51 -12.35
N ASP D 38 -0.99 19.83 -12.34
CA ASP D 38 -0.34 20.60 -13.40
C ASP D 38 0.77 21.50 -12.90
N LYS D 39 1.16 21.22 -11.66
CA LYS D 39 2.28 21.87 -10.99
C LYS D 39 3.30 20.73 -10.97
N VAL D 40 2.77 19.51 -11.16
CA VAL D 40 3.53 18.27 -11.25
C VAL D 40 4.17 18.25 -12.63
N ARG D 41 3.44 18.79 -13.62
CA ARG D 41 3.90 18.87 -15.01
C ARG D 41 5.17 19.71 -15.06
N GLU D 42 5.12 20.87 -14.41
CA GLU D 42 6.25 21.80 -14.34
C GLU D 42 7.50 21.06 -13.86
N ILE D 43 7.32 20.16 -12.90
CA ILE D 43 8.42 19.38 -12.34
C ILE D 43 8.91 18.34 -13.34
N ALA D 44 7.98 17.58 -13.91
CA ALA D 44 8.31 16.56 -14.90
C ALA D 44 9.14 17.14 -16.04
N GLU D 45 8.69 18.25 -16.59
CA GLU D 45 9.39 18.90 -17.70
C GLU D 45 10.79 19.32 -17.28
N LEU D 46 10.90 19.89 -16.09
CA LEU D 46 12.17 20.35 -15.57
C LEU D 46 13.13 19.20 -15.35
N LYS D 47 12.65 18.19 -14.65
CA LYS D 47 13.40 17.00 -14.26
C LYS D 47 13.65 15.99 -15.38
N MET D 48 12.96 16.15 -16.49
CA MET D 48 13.05 15.24 -17.64
C MET D 48 14.44 14.75 -18.12
N PRO D 49 15.42 15.66 -18.27
CA PRO D 49 16.75 15.25 -18.74
C PRO D 49 17.44 14.23 -17.82
N ASP D 50 16.97 14.12 -16.59
CA ASP D 50 17.57 13.20 -15.62
C ASP D 50 16.76 11.94 -15.37
N LEU D 51 15.67 11.77 -16.13
CA LEU D 51 14.81 10.61 -15.99
C LEU D 51 15.03 9.64 -17.16
N ASN D 52 14.39 8.48 -17.09
CA ASN D 52 14.48 7.47 -18.14
C ASN D 52 13.12 7.22 -18.80
N ALA D 53 12.14 8.06 -18.46
CA ALA D 53 10.79 7.97 -19.01
C ALA D 53 10.77 8.39 -20.47
N ALA D 54 9.85 7.81 -21.25
CA ALA D 54 9.74 8.11 -22.66
C ALA D 54 8.73 9.19 -23.01
N SER D 55 8.11 9.80 -22.00
CA SER D 55 7.12 10.86 -22.22
C SER D 55 6.95 11.76 -20.99
N ILE D 56 6.51 12.99 -21.22
CA ILE D 56 6.29 13.94 -20.11
C ILE D 56 5.16 13.41 -19.21
N GLU D 57 4.55 12.31 -19.62
CA GLU D 57 3.45 11.66 -18.89
C GLU D 57 3.99 10.62 -17.92
N ALA D 58 4.69 9.61 -18.44
CA ALA D 58 5.27 8.54 -17.60
C ALA D 58 6.24 9.15 -16.58
N ALA D 59 6.60 10.40 -16.82
CA ALA D 59 7.49 11.18 -15.99
C ALA D 59 6.66 11.85 -14.89
N MET D 60 5.52 12.42 -15.28
CA MET D 60 4.62 13.03 -14.30
C MET D 60 4.11 11.95 -13.36
N ARG D 61 4.00 10.74 -13.90
CA ARG D 61 3.54 9.58 -13.14
C ARG D 61 4.55 9.31 -12.03
N MET D 62 5.82 9.31 -12.42
CA MET D 62 6.95 9.06 -11.55
C MET D 62 7.03 10.07 -10.41
N ILE D 63 6.99 11.35 -10.75
CA ILE D 63 7.05 12.42 -9.77
C ILE D 63 5.98 12.18 -8.73
N GLU D 64 4.83 11.67 -9.18
CA GLU D 64 3.71 11.38 -8.30
C GLU D 64 3.99 10.22 -7.36
N GLY D 65 4.92 9.34 -7.74
CA GLY D 65 5.26 8.23 -6.88
C GLY D 65 6.00 8.76 -5.66
N THR D 66 6.88 9.71 -5.91
CA THR D 66 7.65 10.35 -4.85
C THR D 66 6.69 11.21 -4.04
N ALA D 67 5.70 11.76 -4.74
CA ALA D 67 4.69 12.61 -4.12
C ALA D 67 3.79 11.78 -3.22
N ARG D 68 3.41 10.60 -3.71
CA ARG D 68 2.56 9.70 -2.94
C ARG D 68 3.23 9.32 -1.63
N ASN D 69 4.51 8.92 -1.72
CA ASN D 69 5.27 8.50 -0.55
C ASN D 69 5.76 9.59 0.42
N MET D 70 5.30 10.82 0.25
CA MET D 70 5.68 11.87 1.19
C MET D 70 4.41 12.58 1.67
N GLY D 71 3.28 11.94 1.38
CA GLY D 71 1.99 12.46 1.77
C GLY D 71 1.55 13.72 1.06
N ILE D 72 1.87 13.84 -0.23
CA ILE D 72 1.45 15.00 -1.01
C ILE D 72 0.39 14.56 -2.01
N VAL D 73 -0.79 15.17 -1.89
CA VAL D 73 -1.93 14.86 -2.73
C VAL D 73 -1.96 15.72 -4.00
N VAL D 74 -2.19 15.05 -5.12
CA VAL D 74 -2.26 15.69 -6.41
C VAL D 74 -3.67 15.63 -7.00
N GLU D 75 -4.29 16.81 -7.16
CA GLU D 75 -5.63 16.93 -7.74
C GLU D 75 -5.51 17.83 -8.98
N ASP D 76 -6.60 18.00 -9.72
CA ASP D 76 -6.52 18.85 -10.91
C ASP D 76 -6.79 20.34 -10.66
#